data_8WDF
#
_entry.id   8WDF
#
_cell.length_a   123.434
_cell.length_b   123.434
_cell.length_c   27.271
_cell.angle_alpha   90.00
_cell.angle_beta   90.00
_cell.angle_gamma   120.00
#
_symmetry.space_group_name_H-M   'P 63'
#
_entity_poly.entity_id   1
_entity_poly.type   'polypeptide(L)'
_entity_poly.pdbx_seq_one_letter_code
;HHHHHHSSGLVPRGSHMASMTGGQQMGQSNHDKQYIGHAGELRVLSQRIAKNATEAAAGKGEAFKLLKDARNDFEKRWNI
LVNGDESTSLPPSPEAVKPQMDVVQQDWDGLRKNADSILASEQTVLSLHQVASTLAETIPQLQVEYEEVVDILLENGAPA
DQVAVAQRQSLLAERILGSVNKVLAGDENSVQAADSFGRDASLFGRVLKGMQEGNAAMSISKVTNAEAVDRLNEIAELFE
FVSGSVDEILETSPDLFQVREAANNIFSVSQTLLDKASQLADGFENLAGGR
;
_entity_poly.pdbx_strand_id   A
#
# COMPACT_ATOMS: atom_id res chain seq x y z
N ASN A 30 20.36 -4.45 41.16
CA ASN A 30 19.41 -3.41 41.58
C ASN A 30 18.14 -3.49 40.74
N HIS A 31 17.03 -3.04 41.32
CA HIS A 31 15.71 -3.18 40.70
C HIS A 31 15.20 -1.89 40.06
N ASP A 32 15.46 -0.74 40.67
CA ASP A 32 14.98 0.52 40.10
C ASP A 32 15.65 0.82 38.77
N LYS A 33 16.95 0.52 38.65
CA LYS A 33 17.65 0.70 37.39
C LYS A 33 16.97 -0.07 36.27
N GLN A 34 16.45 -1.26 36.58
CA GLN A 34 15.76 -2.05 35.57
C GLN A 34 14.53 -1.32 35.05
N TYR A 35 13.68 -0.84 35.96
CA TYR A 35 12.50 -0.08 35.55
C TYR A 35 12.88 1.13 34.69
N ILE A 36 13.84 1.92 35.16
CA ILE A 36 14.18 3.17 34.48
C ILE A 36 14.76 2.87 33.10
N GLY A 37 15.69 1.93 33.02
CA GLY A 37 16.29 1.59 31.74
C GLY A 37 15.31 0.97 30.77
N HIS A 38 14.39 0.15 31.27
CA HIS A 38 13.42 -0.46 30.37
C HIS A 38 12.40 0.56 29.86
N ALA A 39 12.09 1.58 30.66
CA ALA A 39 11.26 2.67 30.14
C ALA A 39 12.02 3.49 29.09
N GLY A 40 13.28 3.82 29.38
CA GLY A 40 14.10 4.52 28.41
C GLY A 40 14.28 3.74 27.12
N GLU A 41 14.23 2.41 27.20
CA GLU A 41 14.30 1.59 26.01
C GLU A 41 12.95 1.45 25.32
N LEU A 42 11.85 1.49 26.08
CA LEU A 42 10.53 1.58 25.48
C LEU A 42 10.39 2.82 24.63
N ARG A 43 11.07 3.91 25.03
CA ARG A 43 11.12 5.10 24.19
C ARG A 43 11.60 4.78 22.77
N VAL A 44 12.81 4.23 22.67
CA VAL A 44 13.39 3.90 21.37
C VAL A 44 12.57 2.81 20.69
N LEU A 45 11.95 1.93 21.47
CA LEU A 45 11.10 0.89 20.88
C LEU A 45 9.91 1.50 20.15
N SER A 46 9.25 2.48 20.78
CA SER A 46 8.14 3.16 20.12
C SER A 46 8.62 3.94 18.90
N GLN A 47 9.79 4.57 19.01
CA GLN A 47 10.33 5.30 17.86
C GLN A 47 10.56 4.37 16.68
N ARG A 48 11.19 3.21 16.93
CA ARG A 48 11.44 2.26 15.84
C ARG A 48 10.17 1.61 15.34
N ILE A 49 9.17 1.43 16.22
CA ILE A 49 7.87 0.94 15.77
C ILE A 49 7.26 1.92 14.78
N ALA A 50 7.30 3.21 15.10
CA ALA A 50 6.77 4.22 14.18
C ALA A 50 7.52 4.22 12.85
N LYS A 51 8.86 4.15 12.92
CA LYS A 51 9.65 4.17 11.70
C LYS A 51 9.36 2.96 10.82
N ASN A 52 9.33 1.76 11.42
CA ASN A 52 9.05 0.56 10.64
C ASN A 52 7.62 0.56 10.11
N ALA A 53 6.67 1.13 10.85
CA ALA A 53 5.29 1.20 10.36
C ALA A 53 5.19 2.11 9.15
N THR A 54 5.81 3.30 9.22
CA THR A 54 5.75 4.21 8.09
C THR A 54 6.59 3.72 6.91
N GLU A 55 7.57 2.85 7.15
CA GLU A 55 8.28 2.24 6.03
C GLU A 55 7.46 1.12 5.39
N ALA A 56 6.82 0.27 6.21
CA ALA A 56 6.03 -0.83 5.69
C ALA A 56 4.78 -0.34 4.98
N ALA A 57 4.27 0.84 5.36
CA ALA A 57 3.15 1.41 4.63
C ALA A 57 3.49 1.72 3.18
N ALA A 58 4.78 1.84 2.87
CA ALA A 58 5.24 2.09 1.50
C ALA A 58 5.55 0.81 0.74
N GLY A 59 5.10 -0.34 1.23
CA GLY A 59 5.28 -1.59 0.52
C GLY A 59 6.68 -2.16 0.55
N LYS A 60 7.39 -2.00 1.66
CA LYS A 60 8.74 -2.56 1.84
C LYS A 60 8.63 -3.75 2.79
N GLY A 61 8.78 -4.96 2.25
CA GLY A 61 8.59 -6.19 3.00
C GLY A 61 9.57 -6.42 4.13
N GLU A 62 10.69 -5.68 4.15
CA GLU A 62 11.66 -5.81 5.22
C GLU A 62 11.17 -5.13 6.50
N ALA A 63 10.69 -3.89 6.36
CA ALA A 63 10.12 -3.20 7.51
C ALA A 63 8.88 -3.91 8.05
N PHE A 64 8.19 -4.69 7.22
CA PHE A 64 7.03 -5.43 7.69
C PHE A 64 7.41 -6.40 8.80
N LYS A 65 8.58 -7.04 8.70
CA LYS A 65 9.04 -7.94 9.73
C LYS A 65 9.83 -7.23 10.83
N LEU A 66 10.58 -6.18 10.47
CA LEU A 66 11.24 -5.39 11.50
C LEU A 66 10.23 -4.76 12.46
N LEU A 67 9.05 -4.40 11.95
CA LEU A 67 8.00 -3.86 12.80
C LEU A 67 7.46 -4.92 13.76
N LYS A 68 7.33 -6.16 13.29
CA LYS A 68 6.91 -7.24 14.18
C LYS A 68 7.94 -7.48 15.27
N ASP A 69 9.23 -7.45 14.91
CA ASP A 69 10.28 -7.59 15.90
C ASP A 69 10.22 -6.48 16.94
N ALA A 70 10.06 -5.23 16.48
CA ALA A 70 10.00 -4.11 17.40
C ALA A 70 8.78 -4.18 18.30
N ARG A 71 7.63 -4.59 17.75
CA ARG A 71 6.41 -4.73 18.55
C ARG A 71 6.56 -5.81 19.60
N ASN A 72 7.16 -6.95 19.23
CA ASN A 72 7.36 -8.01 20.22
C ASN A 72 8.34 -7.59 21.31
N ASP A 73 9.39 -6.85 20.94
CA ASP A 73 10.32 -6.35 21.96
C ASP A 73 9.63 -5.36 22.89
N PHE A 74 8.81 -4.47 22.33
CA PHE A 74 8.04 -3.54 23.15
C PHE A 74 7.13 -4.29 24.11
N GLU A 75 6.43 -5.31 23.61
CA GLU A 75 5.54 -6.07 24.49
C GLU A 75 6.31 -6.81 25.57
N LYS A 76 7.48 -7.35 25.24
CA LYS A 76 8.30 -8.03 26.23
C LYS A 76 8.72 -7.08 27.34
N ARG A 77 9.28 -5.93 26.98
CA ARG A 77 9.71 -4.97 28.00
C ARG A 77 8.52 -4.44 28.79
N TRP A 78 7.40 -4.20 28.13
CA TRP A 78 6.21 -3.71 28.82
C TRP A 78 5.69 -4.74 29.82
N ASN A 79 5.70 -6.02 29.45
CA ASN A 79 5.21 -7.06 30.35
C ASN A 79 6.16 -7.24 31.53
N ILE A 80 7.47 -7.22 31.29
CA ILE A 80 8.41 -7.32 32.40
C ILE A 80 8.43 -6.06 33.26
N LEU A 81 7.86 -4.95 32.76
CA LEU A 81 7.67 -3.76 33.57
C LEU A 81 6.35 -3.77 34.33
N VAL A 82 5.36 -4.52 33.87
CA VAL A 82 4.06 -4.61 34.55
C VAL A 82 4.03 -5.83 35.47
N ASN A 83 4.25 -7.02 34.93
CA ASN A 83 4.14 -8.24 35.72
C ASN A 83 5.42 -8.58 36.48
N GLY A 84 6.58 -8.17 35.97
CA GLY A 84 7.84 -8.50 36.62
C GLY A 84 8.58 -9.61 35.90
N ASP A 85 9.90 -9.48 35.83
CA ASP A 85 10.73 -10.43 35.10
C ASP A 85 11.14 -11.57 36.02
N GLU A 86 10.98 -12.82 35.54
CA GLU A 86 11.40 -13.98 36.31
C GLU A 86 12.92 -14.16 36.27
N SER A 87 13.52 -13.93 35.10
CA SER A 87 14.95 -14.14 34.92
C SER A 87 15.78 -13.24 35.83
N THR A 88 15.49 -11.94 35.82
CA THR A 88 16.19 -10.98 36.66
C THR A 88 15.56 -10.84 38.04
N SER A 89 14.43 -11.53 38.29
CA SER A 89 13.73 -11.47 39.57
C SER A 89 13.32 -10.03 39.89
N LEU A 90 12.80 -9.33 38.89
CA LEU A 90 12.35 -7.96 39.10
C LEU A 90 10.93 -7.97 39.66
N PRO A 91 10.69 -7.36 40.83
CA PRO A 91 9.35 -7.37 41.41
C PRO A 91 8.37 -6.61 40.53
N PRO A 92 7.08 -6.89 40.66
CA PRO A 92 6.08 -6.10 39.91
C PRO A 92 6.11 -4.64 40.34
N SER A 93 5.73 -3.77 39.42
CA SER A 93 5.75 -2.34 39.70
C SER A 93 4.73 -2.01 40.79
N PRO A 94 5.09 -1.18 41.78
CA PRO A 94 4.17 -0.89 42.88
C PRO A 94 2.99 -0.03 42.43
N GLU A 95 2.07 0.25 43.36
CA GLU A 95 0.92 1.09 43.05
C GLU A 95 1.31 2.56 42.88
N ALA A 96 2.45 2.97 43.43
CA ALA A 96 2.87 4.36 43.31
C ALA A 96 3.09 4.78 41.87
N VAL A 97 3.32 3.83 40.97
CA VAL A 97 3.46 4.11 39.55
C VAL A 97 2.22 3.75 38.75
N LYS A 98 1.18 3.22 39.41
CA LYS A 98 -0.04 2.85 38.72
C LYS A 98 -0.67 4.00 37.92
N PRO A 99 -0.78 5.23 38.43
CA PRO A 99 -1.35 6.30 37.59
C PRO A 99 -0.57 6.53 36.29
N GLN A 100 0.74 6.73 36.39
CA GLN A 100 1.56 6.89 35.19
C GLN A 100 1.41 5.68 34.27
N MET A 101 1.67 4.48 34.80
CA MET A 101 1.49 3.26 34.02
C MET A 101 0.06 3.12 33.49
N ASP A 102 -0.90 3.86 34.06
CA ASP A 102 -2.27 3.75 33.58
C ASP A 102 -2.44 4.40 32.21
N VAL A 103 -1.62 5.41 31.89
CA VAL A 103 -1.81 6.11 30.62
C VAL A 103 -1.00 5.48 29.49
N VAL A 104 0.21 4.99 29.79
CA VAL A 104 1.07 4.46 28.73
C VAL A 104 0.41 3.26 28.05
N GLN A 105 -0.23 2.38 28.84
CA GLN A 105 -0.97 1.28 28.25
C GLN A 105 -2.06 1.78 27.32
N GLN A 106 -2.76 2.85 27.72
CA GLN A 106 -3.79 3.42 26.85
C GLN A 106 -3.21 3.95 25.55
N ASP A 107 -1.92 4.30 25.54
CA ASP A 107 -1.26 4.67 24.29
C ASP A 107 -0.56 3.50 23.64
N TRP A 108 -0.38 2.39 24.36
CA TRP A 108 0.17 1.17 23.78
C TRP A 108 -0.93 0.29 23.20
N ASP A 109 -2.08 0.21 23.87
CA ASP A 109 -3.23 -0.51 23.32
C ASP A 109 -3.56 -0.03 21.91
N GLY A 110 -3.47 1.27 21.69
CA GLY A 110 -3.68 1.81 20.35
C GLY A 110 -2.52 1.57 19.42
N LEU A 111 -1.29 1.54 19.96
CA LEU A 111 -0.13 1.30 19.11
C LEU A 111 -0.04 -0.16 18.69
N ARG A 112 -0.28 -1.08 19.63
CA ARG A 112 -0.13 -2.51 19.34
C ARG A 112 -1.21 -2.99 18.36
N LYS A 113 -2.47 -2.68 18.65
CA LYS A 113 -3.58 -3.20 17.85
C LYS A 113 -3.44 -2.79 16.39
N ASN A 114 -3.37 -1.49 16.13
CA ASN A 114 -3.17 -1.01 14.77
C ASN A 114 -1.89 -1.53 14.16
N ALA A 115 -0.91 -1.94 14.98
CA ALA A 115 0.26 -2.64 14.46
C ALA A 115 -0.13 -4.01 13.92
N ASP A 116 -0.85 -4.80 14.73
CA ASP A 116 -1.28 -6.13 14.30
C ASP A 116 -2.02 -6.06 12.97
N SER A 117 -2.95 -5.10 12.84
CA SER A 117 -3.65 -4.88 11.58
C SER A 117 -2.66 -4.81 10.42
N ILE A 118 -1.65 -3.94 10.54
CA ILE A 118 -0.63 -3.84 9.50
C ILE A 118 -0.05 -5.21 9.19
N LEU A 119 0.38 -5.92 10.23
CA LEU A 119 0.89 -7.28 10.03
C LEU A 119 -0.15 -8.16 9.38
N ALA A 120 -1.39 -8.08 9.84
CA ALA A 120 -2.46 -8.91 9.28
C ALA A 120 -2.69 -8.62 7.81
N SER A 121 -2.18 -7.50 7.30
CA SER A 121 -2.30 -7.15 5.89
C SER A 121 -0.94 -7.12 5.20
N GLU A 122 -0.02 -7.99 5.60
CA GLU A 122 1.28 -8.04 4.96
C GLU A 122 1.16 -8.43 3.49
N GLN A 123 0.93 -9.73 3.24
CA GLN A 123 0.94 -10.26 1.88
C GLN A 123 0.05 -9.45 0.95
N THR A 124 -1.16 -9.11 1.41
CA THR A 124 -2.07 -8.29 0.61
C THR A 124 -1.36 -7.02 0.12
N VAL A 125 -0.85 -6.22 1.06
CA VAL A 125 -0.15 -5.00 0.70
C VAL A 125 1.03 -5.31 -0.22
N LEU A 126 1.67 -6.46 -0.04
CA LEU A 126 2.74 -6.86 -0.95
C LEU A 126 2.20 -7.09 -2.35
N SER A 127 1.10 -7.85 -2.46
CA SER A 127 0.56 -8.23 -3.77
C SER A 127 0.40 -7.02 -4.67
N LEU A 128 -0.37 -6.03 -4.21
CA LEU A 128 -0.48 -4.75 -4.90
C LEU A 128 0.88 -4.24 -5.35
N HIS A 129 1.77 -3.98 -4.38
CA HIS A 129 3.07 -3.40 -4.71
C HIS A 129 3.84 -4.25 -5.70
N GLN A 130 3.54 -5.54 -5.78
CA GLN A 130 4.17 -6.36 -6.80
C GLN A 130 3.42 -6.25 -8.13
N VAL A 131 2.10 -6.47 -8.10
CA VAL A 131 1.36 -6.52 -9.36
C VAL A 131 1.37 -5.16 -10.04
N ALA A 132 1.29 -4.08 -9.26
CA ALA A 132 1.48 -2.75 -9.81
C ALA A 132 2.83 -2.65 -10.51
N SER A 133 3.89 -3.09 -9.82
CA SER A 133 5.22 -3.10 -10.42
C SER A 133 5.27 -3.96 -11.68
N THR A 134 4.37 -4.94 -11.82
CA THR A 134 4.27 -5.66 -13.07
C THR A 134 3.54 -4.81 -14.12
N LEU A 135 2.40 -4.23 -13.73
CA LEU A 135 1.65 -3.39 -14.66
C LEU A 135 2.50 -2.24 -15.17
N ALA A 136 3.35 -1.68 -14.31
CA ALA A 136 4.23 -0.58 -14.69
C ALA A 136 5.12 -0.92 -15.87
N GLU A 137 5.33 -2.20 -16.17
CA GLU A 137 6.11 -2.58 -17.33
C GLU A 137 5.26 -3.09 -18.49
N THR A 138 4.01 -3.48 -18.24
CA THR A 138 3.16 -3.99 -19.30
C THR A 138 2.40 -2.88 -20.01
N ILE A 139 1.87 -1.92 -19.25
CA ILE A 139 1.09 -0.83 -19.84
C ILE A 139 1.90 -0.03 -20.85
N PRO A 140 3.16 0.33 -20.59
CA PRO A 140 3.91 1.10 -21.60
C PRO A 140 4.01 0.41 -22.95
N GLN A 141 4.46 -0.85 -22.98
CA GLN A 141 4.57 -1.56 -24.26
C GLN A 141 3.20 -1.77 -24.90
N LEU A 142 2.15 -1.90 -24.09
CA LEU A 142 0.79 -1.92 -24.63
C LEU A 142 0.44 -0.57 -25.24
N GLN A 143 0.88 0.52 -24.60
CA GLN A 143 0.56 1.86 -25.09
C GLN A 143 1.30 2.16 -26.39
N VAL A 144 2.63 2.03 -26.39
CA VAL A 144 3.42 2.40 -27.55
C VAL A 144 3.05 1.55 -28.76
N GLU A 145 2.73 0.27 -28.53
CA GLU A 145 2.26 -0.59 -29.60
C GLU A 145 1.04 0.02 -30.29
N TYR A 146 0.08 0.50 -29.50
CA TYR A 146 -1.08 1.17 -30.07
C TYR A 146 -0.66 2.34 -30.93
N GLU A 147 0.38 3.07 -30.50
CA GLU A 147 0.94 4.14 -31.32
C GLU A 147 1.28 3.62 -32.72
N GLU A 148 2.03 2.51 -32.78
CA GLU A 148 2.40 1.95 -34.08
C GLU A 148 1.18 1.49 -34.85
N VAL A 149 0.08 1.15 -34.15
CA VAL A 149 -1.16 0.86 -34.84
C VAL A 149 -1.68 2.12 -35.52
N VAL A 150 -1.72 3.23 -34.78
CA VAL A 150 -2.15 4.51 -35.33
C VAL A 150 -1.40 4.81 -36.63
N ASP A 151 -0.06 4.79 -36.54
CA ASP A 151 0.78 5.05 -37.71
C ASP A 151 0.39 4.13 -38.87
N ILE A 152 0.11 2.86 -38.58
CA ILE A 152 -0.32 1.94 -39.63
C ILE A 152 -1.59 2.45 -40.29
N LEU A 153 -2.60 2.78 -39.49
CA LEU A 153 -3.84 3.33 -40.02
C LEU A 153 -3.63 4.65 -40.74
N LEU A 154 -2.47 5.28 -40.59
CA LEU A 154 -2.13 6.46 -41.36
C LEU A 154 -1.35 6.12 -42.62
N GLU A 155 -0.53 5.09 -42.57
CA GLU A 155 0.28 4.71 -43.72
C GLU A 155 -0.43 3.73 -44.64
N ASN A 156 -1.68 3.36 -44.32
CA ASN A 156 -2.49 2.53 -45.18
C ASN A 156 -3.82 3.15 -45.56
N GLY A 157 -4.20 4.28 -44.98
CA GLY A 157 -5.46 4.91 -45.31
C GLY A 157 -6.63 4.42 -44.48
N ALA A 158 -7.23 5.31 -43.68
CA ALA A 158 -8.36 4.97 -42.84
C ALA A 158 -9.09 6.26 -42.47
N PRO A 159 -10.39 6.19 -42.18
CA PRO A 159 -11.10 7.39 -41.75
C PRO A 159 -10.50 7.97 -40.47
N ALA A 160 -10.67 9.28 -40.30
CA ALA A 160 -10.09 9.96 -39.14
C ALA A 160 -10.65 9.43 -37.83
N ASP A 161 -11.88 8.90 -37.87
CA ASP A 161 -12.48 8.36 -36.65
C ASP A 161 -11.66 7.21 -36.08
N GLN A 162 -11.20 6.29 -36.94
CA GLN A 162 -10.42 5.15 -36.46
C GLN A 162 -9.08 5.59 -35.89
N VAL A 163 -8.39 6.50 -36.59
CA VAL A 163 -7.10 6.99 -36.09
C VAL A 163 -7.28 7.69 -34.76
N ALA A 164 -8.30 8.53 -34.64
CA ALA A 164 -8.54 9.25 -33.40
C ALA A 164 -8.91 8.29 -32.27
N VAL A 165 -9.66 7.23 -32.57
CA VAL A 165 -10.03 6.26 -31.54
C VAL A 165 -8.80 5.49 -31.07
N ALA A 166 -7.92 5.12 -32.00
CA ALA A 166 -6.68 4.46 -31.61
C ALA A 166 -5.82 5.38 -30.75
N GLN A 167 -5.81 6.68 -31.06
CA GLN A 167 -5.11 7.63 -30.22
C GLN A 167 -5.74 7.73 -28.84
N ARG A 168 -7.08 7.71 -28.78
CA ARG A 168 -7.76 7.70 -27.49
C ARG A 168 -7.37 6.49 -26.67
N GLN A 169 -7.23 5.33 -27.31
CA GLN A 169 -6.76 4.14 -26.60
C GLN A 169 -5.32 4.31 -26.11
N SER A 170 -4.45 4.86 -26.97
CA SER A 170 -3.07 5.07 -26.60
C SER A 170 -2.95 5.98 -25.38
N LEU A 171 -3.84 6.98 -25.28
CA LEU A 171 -3.79 7.87 -24.12
C LEU A 171 -4.52 7.28 -22.91
N LEU A 172 -5.53 6.46 -23.14
CA LEU A 172 -6.22 5.79 -22.03
C LEU A 172 -5.29 4.83 -21.33
N ALA A 173 -4.41 4.16 -22.07
CA ALA A 173 -3.41 3.29 -21.45
C ALA A 173 -2.47 4.09 -20.54
N GLU A 174 -2.02 5.26 -21.01
CA GLU A 174 -1.16 6.10 -20.19
C GLU A 174 -1.88 6.60 -18.94
N ARG A 175 -3.16 6.94 -19.08
CA ARG A 175 -3.95 7.33 -17.92
C ARG A 175 -4.10 6.18 -16.95
N ILE A 176 -4.21 4.95 -17.46
CA ILE A 176 -4.26 3.76 -16.60
C ILE A 176 -2.95 3.60 -15.83
N LEU A 177 -1.82 3.83 -16.50
CA LEU A 177 -0.53 3.76 -15.84
C LEU A 177 -0.41 4.80 -14.74
N GLY A 178 -0.78 6.05 -15.05
CA GLY A 178 -0.81 7.08 -14.03
C GLY A 178 -1.76 6.77 -12.90
N SER A 179 -2.87 6.09 -13.19
CA SER A 179 -3.79 5.69 -12.14
C SER A 179 -3.16 4.65 -11.23
N VAL A 180 -2.43 3.69 -11.81
CA VAL A 180 -1.70 2.74 -10.98
C VAL A 180 -0.70 3.47 -10.09
N ASN A 181 -0.03 4.48 -10.63
CA ASN A 181 0.89 5.25 -9.79
C ASN A 181 0.15 5.99 -8.68
N LYS A 182 -1.04 6.51 -8.97
CA LYS A 182 -1.82 7.20 -7.96
C LYS A 182 -2.34 6.23 -6.90
N VAL A 183 -2.51 4.96 -7.25
CA VAL A 183 -2.94 3.96 -6.28
C VAL A 183 -1.83 3.65 -5.29
N LEU A 184 -0.58 3.71 -5.72
CA LEU A 184 0.56 3.44 -4.84
C LEU A 184 0.98 4.70 -4.07
N ALA A 185 0.08 5.14 -3.19
CA ALA A 185 0.35 6.32 -2.37
C ALA A 185 -0.34 6.20 -1.02
N GLY A 186 -1.37 5.35 -0.94
CA GLY A 186 -2.12 5.21 0.29
C GLY A 186 -2.91 6.43 0.69
N ASP A 187 -3.24 7.29 -0.26
CA ASP A 187 -3.98 8.51 -0.01
C ASP A 187 -5.47 8.29 -0.27
N GLU A 188 -6.27 9.33 -0.02
CA GLU A 188 -7.69 9.28 -0.34
C GLU A 188 -7.94 9.08 -1.82
N ASN A 189 -6.98 9.45 -2.67
CA ASN A 189 -7.10 9.28 -4.10
C ASN A 189 -6.68 7.90 -4.59
N SER A 190 -6.16 7.05 -3.70
CA SER A 190 -5.75 5.71 -4.12
C SER A 190 -6.95 4.88 -4.56
N VAL A 191 -8.02 4.90 -3.76
CA VAL A 191 -9.22 4.15 -4.11
C VAL A 191 -9.90 4.76 -5.33
N GLN A 192 -9.90 6.09 -5.42
CA GLN A 192 -10.45 6.76 -6.59
C GLN A 192 -9.71 6.35 -7.86
N ALA A 193 -8.37 6.32 -7.79
CA ALA A 193 -7.57 5.91 -8.94
C ALA A 193 -7.71 4.43 -9.21
N ALA A 194 -8.00 3.62 -8.20
CA ALA A 194 -8.25 2.20 -8.43
C ALA A 194 -9.54 1.99 -9.22
N ASP A 195 -10.61 2.68 -8.82
CA ASP A 195 -11.86 2.58 -9.57
C ASP A 195 -11.71 3.18 -10.96
N SER A 196 -10.95 4.27 -11.08
CA SER A 196 -10.67 4.86 -12.40
C SER A 196 -9.90 3.89 -13.27
N PHE A 197 -8.91 3.19 -12.69
CA PHE A 197 -8.16 2.17 -13.41
C PHE A 197 -9.08 1.06 -13.90
N GLY A 198 -9.97 0.59 -13.02
CA GLY A 198 -10.90 -0.46 -13.43
C GLY A 198 -11.81 -0.03 -14.56
N ARG A 199 -12.40 1.16 -14.44
CA ARG A 199 -13.34 1.61 -15.46
C ARG A 199 -12.64 1.96 -16.77
N ASP A 200 -11.43 2.52 -16.69
CA ASP A 200 -10.66 2.81 -17.89
C ASP A 200 -10.22 1.51 -18.58
N ALA A 201 -9.89 0.48 -17.80
CA ALA A 201 -9.55 -0.81 -18.41
C ALA A 201 -10.78 -1.45 -19.03
N SER A 202 -11.96 -1.26 -18.43
CA SER A 202 -13.19 -1.75 -19.03
C SER A 202 -13.45 -1.06 -20.38
N LEU A 203 -13.34 0.27 -20.40
CA LEU A 203 -13.49 1.02 -21.65
C LEU A 203 -12.44 0.58 -22.67
N PHE A 204 -11.21 0.31 -22.20
CA PHE A 204 -10.13 -0.09 -23.09
C PHE A 204 -10.45 -1.44 -23.73
N GLY A 205 -10.91 -2.40 -22.93
CA GLY A 205 -11.31 -3.69 -23.49
C GLY A 205 -12.47 -3.58 -24.45
N ARG A 206 -13.46 -2.76 -24.10
CA ARG A 206 -14.60 -2.54 -25.00
C ARG A 206 -14.13 -2.03 -26.35
N VAL A 207 -13.36 -0.94 -26.36
CA VAL A 207 -12.91 -0.36 -27.62
C VAL A 207 -11.96 -1.30 -28.35
N LEU A 208 -11.13 -2.05 -27.61
CA LEU A 208 -10.17 -2.95 -28.23
C LEU A 208 -10.87 -4.07 -28.98
N LYS A 209 -11.85 -4.71 -28.34
CA LYS A 209 -12.58 -5.78 -29.02
C LYS A 209 -13.59 -5.23 -30.02
N GLY A 210 -13.96 -3.96 -29.93
CA GLY A 210 -14.76 -3.34 -30.97
C GLY A 210 -13.96 -2.99 -32.20
N MET A 211 -12.66 -2.77 -32.05
CA MET A 211 -11.77 -2.59 -33.19
C MET A 211 -11.32 -3.93 -33.78
N GLN A 212 -11.11 -4.94 -32.93
CA GLN A 212 -10.71 -6.25 -33.44
C GLN A 212 -11.83 -6.90 -34.23
N GLU A 213 -13.04 -6.86 -33.70
CA GLU A 213 -14.20 -7.45 -34.34
C GLU A 213 -15.16 -6.35 -34.79
N GLY A 214 -16.35 -6.75 -35.23
CA GLY A 214 -17.33 -5.80 -35.72
C GLY A 214 -18.49 -5.61 -34.76
N ASN A 215 -18.46 -4.54 -33.99
CA ASN A 215 -19.50 -4.22 -33.02
C ASN A 215 -20.23 -2.94 -33.43
N ALA A 216 -21.36 -2.71 -32.77
CA ALA A 216 -22.24 -1.57 -33.05
C ALA A 216 -22.50 -0.78 -31.78
N ALA A 217 -21.50 -0.72 -30.90
CA ALA A 217 -21.66 -0.01 -29.62
C ALA A 217 -21.56 1.50 -29.83
N MET A 218 -20.34 1.99 -30.07
CA MET A 218 -20.12 3.43 -30.23
C MET A 218 -19.53 3.74 -31.61
N SER A 219 -20.11 3.14 -32.65
CA SER A 219 -19.63 3.30 -34.03
C SER A 219 -18.14 2.93 -34.13
N ILE A 220 -17.81 1.75 -33.59
CA ILE A 220 -16.44 1.28 -33.56
C ILE A 220 -16.17 0.53 -34.86
N SER A 221 -15.46 1.18 -35.78
CA SER A 221 -15.19 0.57 -37.08
C SER A 221 -14.13 -0.51 -36.95
N LYS A 222 -14.38 -1.66 -37.58
CA LYS A 222 -13.43 -2.76 -37.53
C LYS A 222 -12.20 -2.44 -38.36
N VAL A 223 -11.02 -2.74 -37.81
CA VAL A 223 -9.78 -2.49 -38.51
C VAL A 223 -9.63 -3.47 -39.67
N THR A 224 -9.36 -2.94 -40.85
CA THR A 224 -9.25 -3.78 -42.05
C THR A 224 -7.82 -4.20 -42.35
N ASN A 225 -6.82 -3.46 -41.87
CA ASN A 225 -5.44 -3.77 -42.19
C ASN A 225 -5.00 -5.06 -41.47
N ALA A 226 -4.05 -5.76 -42.08
CA ALA A 226 -3.62 -7.04 -41.52
C ALA A 226 -2.55 -6.87 -40.45
N GLU A 227 -1.52 -6.05 -40.72
CA GLU A 227 -0.51 -5.79 -39.71
C GLU A 227 -1.11 -5.12 -38.47
N ALA A 228 -2.07 -4.21 -38.69
CA ALA A 228 -2.74 -3.58 -37.57
C ALA A 228 -3.52 -4.60 -36.76
N VAL A 229 -4.13 -5.58 -37.42
CA VAL A 229 -4.89 -6.61 -36.71
C VAL A 229 -3.95 -7.52 -35.92
N ASP A 230 -2.79 -7.84 -36.47
CA ASP A 230 -1.82 -8.65 -35.73
C ASP A 230 -1.30 -7.89 -34.51
N ARG A 231 -1.00 -6.61 -34.67
CA ARG A 231 -0.59 -5.81 -33.53
C ARG A 231 -1.70 -5.66 -32.51
N LEU A 232 -2.97 -5.65 -32.96
CA LEU A 232 -4.08 -5.63 -32.03
C LEU A 232 -4.21 -6.95 -31.29
N ASN A 233 -3.90 -8.07 -31.95
CA ASN A 233 -3.88 -9.35 -31.27
C ASN A 233 -2.80 -9.37 -30.19
N GLU A 234 -1.62 -8.84 -30.50
CA GLU A 234 -0.58 -8.69 -29.49
C GLU A 234 -1.05 -7.78 -28.35
N ILE A 235 -1.73 -6.69 -28.70
CA ILE A 235 -2.24 -5.76 -27.69
C ILE A 235 -3.25 -6.46 -26.77
N ALA A 236 -4.09 -7.33 -27.34
CA ALA A 236 -5.07 -8.04 -26.54
C ALA A 236 -4.41 -9.08 -25.64
N GLU A 237 -3.43 -9.81 -26.17
CA GLU A 237 -2.69 -10.76 -25.34
C GLU A 237 -1.95 -10.05 -24.21
N LEU A 238 -1.53 -8.80 -24.44
CA LEU A 238 -0.88 -8.03 -23.38
C LEU A 238 -1.90 -7.52 -22.36
N PHE A 239 -3.02 -6.99 -22.84
CA PHE A 239 -4.10 -6.49 -22.01
C PHE A 239 -4.77 -7.61 -21.20
N GLU A 240 -4.53 -8.86 -21.55
CA GLU A 240 -5.00 -9.98 -20.73
C GLU A 240 -4.59 -9.80 -19.27
N PHE A 241 -3.32 -9.48 -19.03
CA PHE A 241 -2.82 -9.34 -17.66
C PHE A 241 -3.30 -8.07 -16.99
N VAL A 242 -3.89 -7.14 -17.73
CA VAL A 242 -4.50 -5.95 -17.14
C VAL A 242 -5.96 -6.20 -16.79
N SER A 243 -6.67 -6.92 -17.64
CA SER A 243 -8.08 -7.21 -17.42
C SER A 243 -8.32 -8.28 -16.36
N GLY A 244 -7.27 -8.96 -15.91
CA GLY A 244 -7.41 -9.96 -14.88
C GLY A 244 -7.04 -9.46 -13.50
N SER A 245 -6.21 -8.42 -13.45
CA SER A 245 -5.77 -7.82 -12.20
C SER A 245 -6.64 -6.66 -11.75
N VAL A 246 -7.68 -6.31 -12.52
CA VAL A 246 -8.56 -5.21 -12.13
C VAL A 246 -9.27 -5.54 -10.82
N ASP A 247 -9.79 -6.78 -10.71
CA ASP A 247 -10.52 -7.17 -9.51
C ASP A 247 -9.59 -7.21 -8.31
N GLU A 248 -8.36 -7.67 -8.50
CA GLU A 248 -7.39 -7.71 -7.40
C GLU A 248 -7.11 -6.32 -6.87
N ILE A 249 -6.84 -5.36 -7.76
CA ILE A 249 -6.53 -4.00 -7.33
C ILE A 249 -7.75 -3.37 -6.66
N LEU A 250 -8.93 -3.56 -7.25
CA LEU A 250 -10.15 -3.01 -6.65
C LEU A 250 -10.40 -3.57 -5.26
N GLU A 251 -10.11 -4.85 -5.06
CA GLU A 251 -10.39 -5.50 -3.79
C GLU A 251 -9.31 -5.25 -2.76
N THR A 252 -8.10 -4.84 -3.17
CA THR A 252 -7.00 -4.70 -2.24
C THR A 252 -6.54 -3.27 -1.98
N SER A 253 -6.92 -2.30 -2.82
CA SER A 253 -6.46 -0.93 -2.62
C SER A 253 -7.02 -0.26 -1.36
N PRO A 254 -8.29 -0.46 -0.99
CA PRO A 254 -8.75 0.11 0.28
C PRO A 254 -7.97 -0.43 1.47
N ASP A 255 -7.50 -1.68 1.40
CA ASP A 255 -6.66 -2.20 2.48
C ASP A 255 -5.34 -1.46 2.56
N LEU A 256 -4.76 -1.10 1.40
CA LEU A 256 -3.54 -0.29 1.40
C LEU A 256 -3.80 1.09 2.00
N PHE A 257 -4.94 1.69 1.66
CA PHE A 257 -5.29 2.98 2.26
C PHE A 257 -5.44 2.86 3.78
N GLN A 258 -6.07 1.78 4.24
CA GLN A 258 -6.21 1.57 5.68
C GLN A 258 -4.86 1.36 6.34
N VAL A 259 -3.93 0.68 5.65
CA VAL A 259 -2.59 0.50 6.20
C VAL A 259 -1.88 1.84 6.32
N ARG A 260 -2.04 2.71 5.32
CA ARG A 260 -1.42 4.04 5.41
C ARG A 260 -2.01 4.87 6.54
N GLU A 261 -3.33 4.82 6.70
CA GLU A 261 -3.96 5.54 7.81
C GLU A 261 -3.51 4.99 9.16
N ALA A 262 -3.39 3.66 9.25
CA ALA A 262 -2.91 3.06 10.49
C ALA A 262 -1.47 3.46 10.77
N ALA A 263 -0.66 3.60 9.72
CA ALA A 263 0.72 4.04 9.91
C ALA A 263 0.79 5.48 10.42
N ASN A 264 -0.06 6.36 9.87
CA ASN A 264 -0.15 7.72 10.39
C ASN A 264 -0.56 7.72 11.87
N ASN A 265 -1.58 6.92 12.20
CA ASN A 265 -2.00 6.81 13.59
C ASN A 265 -0.87 6.31 14.48
N ILE A 266 -0.12 5.31 14.00
CA ILE A 266 1.01 4.78 14.77
C ILE A 266 2.04 5.86 15.01
N PHE A 267 2.37 6.64 13.98
CA PHE A 267 3.36 7.69 14.13
C PHE A 267 2.92 8.72 15.18
N SER A 268 1.68 9.17 15.09
CA SER A 268 1.20 10.19 16.04
C SER A 268 1.16 9.64 17.46
N VAL A 269 0.55 8.47 17.64
CA VAL A 269 0.41 7.90 18.98
C VAL A 269 1.77 7.55 19.55
N SER A 270 2.74 7.20 18.71
CA SER A 270 4.08 6.91 19.20
C SER A 270 4.83 8.17 19.59
N GLN A 271 4.64 9.26 18.84
CA GLN A 271 5.23 10.54 19.24
C GLN A 271 4.67 10.97 20.59
N THR A 272 3.39 10.69 20.84
CA THR A 272 2.83 11.01 22.16
C THR A 272 3.33 10.03 23.23
N LEU A 273 3.44 8.75 22.90
CA LEU A 273 3.89 7.76 23.86
C LEU A 273 5.34 7.96 24.24
N LEU A 274 6.14 8.57 23.38
CA LEU A 274 7.50 8.93 23.76
C LEU A 274 7.49 9.86 24.98
N ASP A 275 6.67 10.91 24.93
CA ASP A 275 6.57 11.82 26.07
C ASP A 275 5.93 11.13 27.27
N LYS A 276 4.94 10.27 27.03
CA LYS A 276 4.32 9.54 28.13
C LYS A 276 5.34 8.66 28.85
N ALA A 277 6.17 7.95 28.10
CA ALA A 277 7.19 7.09 28.70
C ALA A 277 8.31 7.91 29.34
N SER A 278 8.59 9.09 28.80
CA SER A 278 9.53 9.99 29.48
C SER A 278 8.99 10.39 30.85
N GLN A 279 7.70 10.74 30.92
CA GLN A 279 7.09 11.06 32.21
C GLN A 279 7.12 9.86 33.14
N LEU A 280 6.87 8.66 32.59
CA LEU A 280 6.92 7.44 33.40
C LEU A 280 8.31 7.22 33.98
N ALA A 281 9.34 7.37 33.15
CA ALA A 281 10.71 7.14 33.62
C ALA A 281 11.13 8.21 34.62
N ASP A 282 10.67 9.45 34.44
CA ASP A 282 11.01 10.49 35.41
C ASP A 282 10.25 10.30 36.72
N GLY A 283 9.05 9.74 36.66
CA GLY A 283 8.36 9.37 37.89
C GLY A 283 9.02 8.22 38.61
N PHE A 284 9.61 7.29 37.85
CA PHE A 284 10.41 6.24 38.46
C PHE A 284 11.66 6.82 39.12
N GLU A 285 12.36 7.70 38.41
CA GLU A 285 13.57 8.31 38.96
C GLU A 285 13.25 9.20 40.16
N ASN A 286 12.05 9.77 40.21
CA ASN A 286 11.64 10.57 41.36
C ASN A 286 11.51 9.71 42.61
N LEU A 287 11.14 8.45 42.46
CA LEU A 287 11.01 7.54 43.59
C LEU A 287 12.23 6.65 43.71
#